data_3QEF
#
_entry.id   3QEF
#
_cell.length_a   85.640
_cell.length_b   85.640
_cell.length_c   195.560
_cell.angle_alpha   90.00
_cell.angle_beta   90.00
_cell.angle_gamma   90.00
#
_symmetry.space_group_name_H-M   'P 41 21 2'
#
loop_
_entity.id
_entity.type
_entity.pdbx_description
1 polymer 'Beta-xylosidase/alpha-L-arabinfuranosidase, gly43N'
2 branched alpha-L-arabinofuranose-(1-5)-alpha-L-arabinofuranose-(1-5)-alpha-L-arabinofuranose
3 branched alpha-L-arabinofuranose-(1-3)-[alpha-L-arabinofuranose-(1-5)]alpha-L-arabinofuranose-(1-5)-alpha-L-arabinofuranose
4 non-polymer 'CALCIUM ION'
5 non-polymer 1,2-ETHANEDIOL
6 water water
#
_entity_poly.entity_id   1
_entity_poly.type   'polypeptide(L)'
_entity_poly.pdbx_seq_one_letter_code
;QAENPIFTDVFTAAPAALVHKGRVYLYAGRDEAPDNTTFFVMNEWLVYSSDDMANWEAHGPGLRAKDFTWAKGDAWASQV
IERNGKFYWYVTVRHDDTKPGFAIGVAVGDSPIGPFKDALGKALITNDMTTDTPIDWDDIDPSVFIDDDGQAYLFWGNTR
PRYAKLKKNMVELDGPIRAIEGLPEFTEAIWVHKYQDNYYLSYAMGFPEKIGYAMGKSIKGPWVYKGILNEVAGNTPTNH
QAIIEFNNKHYFIYHTGAGRPDGGQYRRSVSIDELFYNPDGTIKRIVMTTEGVAPNKSPERVKKAAK
;
_entity_poly.pdbx_strand_id   A,B
#
# COMPACT_ATOMS: atom_id res chain seq x y z
N GLU A 3 12.81 -9.05 9.24
CA GLU A 3 12.09 -7.84 8.82
C GLU A 3 11.49 -7.97 7.41
N ASN A 4 10.31 -7.41 7.19
CA ASN A 4 9.66 -7.42 5.87
C ASN A 4 10.08 -6.18 5.08
N PRO A 5 10.38 -6.34 3.78
CA PRO A 5 10.35 -7.58 2.98
C PRO A 5 11.53 -8.50 3.32
N ILE A 6 11.36 -9.79 3.10
CA ILE A 6 12.32 -10.77 3.57
C ILE A 6 13.53 -10.96 2.65
N PHE A 7 13.40 -10.60 1.38
CA PHE A 7 14.51 -10.71 0.43
C PHE A 7 14.82 -9.32 -0.09
N THR A 8 16.08 -8.89 0.02
CA THR A 8 16.43 -7.51 -0.32
C THR A 8 17.38 -7.37 -1.51
N ASP A 9 17.75 -8.48 -2.13
CA ASP A 9 18.66 -8.44 -3.29
C ASP A 9 17.95 -8.77 -4.60
N VAL A 10 16.65 -9.02 -4.52
CA VAL A 10 15.85 -9.33 -5.70
C VAL A 10 14.43 -8.87 -5.43
N PHE A 11 13.65 -8.72 -6.50
CA PHE A 11 12.22 -8.44 -6.35
C PHE A 11 11.46 -9.75 -6.58
N THR A 12 10.55 -10.08 -5.67
CA THR A 12 9.83 -11.35 -5.73
C THR A 12 8.33 -11.12 -5.57
N ALA A 13 7.51 -11.94 -6.23
CA ALA A 13 6.07 -11.70 -6.25
C ALA A 13 5.29 -12.99 -6.28
N ALA A 14 4.01 -12.89 -5.93
CA ALA A 14 3.06 -13.99 -6.09
C ALA A 14 3.56 -15.26 -5.42
N PRO A 15 3.80 -15.19 -4.11
CA PRO A 15 4.40 -16.32 -3.40
C PRO A 15 3.44 -17.51 -3.28
N ALA A 16 4.01 -18.71 -3.27
CA ALA A 16 3.32 -19.93 -2.91
C ALA A 16 4.25 -20.66 -1.94
N ALA A 17 3.69 -21.50 -1.07
CA ALA A 17 4.52 -22.22 -0.11
C ALA A 17 3.96 -23.61 0.18
N LEU A 18 4.81 -24.48 0.70
CA LEU A 18 4.39 -25.79 1.15
C LEU A 18 5.33 -26.19 2.25
N VAL A 19 4.94 -27.19 3.03
CA VAL A 19 5.81 -27.68 4.10
C VAL A 19 6.22 -29.10 3.75
N HIS A 20 7.52 -29.40 3.83
CA HIS A 20 8.03 -30.73 3.49
C HIS A 20 9.17 -31.10 4.42
N LYS A 21 8.99 -32.18 5.18
CA LYS A 21 10.03 -32.66 6.10
C LYS A 21 10.60 -31.56 6.97
N GLY A 22 9.73 -30.85 7.68
CA GLY A 22 10.14 -29.89 8.69
C GLY A 22 10.69 -28.60 8.13
N ARG A 23 10.60 -28.42 6.81
CA ARG A 23 11.01 -27.17 6.19
C ARG A 23 9.85 -26.57 5.39
N VAL A 24 9.80 -25.25 5.37
CA VAL A 24 8.88 -24.55 4.48
C VAL A 24 9.62 -24.19 3.20
N TYR A 25 9.04 -24.55 2.06
CA TYR A 25 9.58 -24.14 0.77
C TYR A 25 8.70 -23.03 0.20
N LEU A 26 9.35 -21.97 -0.26
CA LEU A 26 8.66 -20.80 -0.78
C LEU A 26 9.04 -20.60 -2.24
N TYR A 27 8.04 -20.45 -3.10
CA TYR A 27 8.27 -20.27 -4.53
C TYR A 27 7.72 -18.90 -4.91
N ALA A 28 8.48 -18.14 -5.69
CA ALA A 28 8.02 -16.80 -6.07
C ALA A 28 8.53 -16.42 -7.45
N GLY A 29 7.72 -15.66 -8.18
CA GLY A 29 8.18 -15.11 -9.45
C GLY A 29 9.19 -14.01 -9.17
N ARG A 30 10.13 -13.83 -10.08
CA ARG A 30 11.10 -12.76 -9.93
C ARG A 30 10.73 -11.59 -10.82
N ASP A 31 10.48 -10.43 -10.20
CA ASP A 31 10.19 -9.21 -10.94
C ASP A 31 11.48 -8.62 -11.47
N GLU A 32 11.53 -8.38 -12.78
CA GLU A 32 12.72 -7.81 -13.42
C GLU A 32 12.40 -6.53 -14.18
N ALA A 33 11.22 -5.98 -13.92
CA ALA A 33 10.84 -4.73 -14.58
C ALA A 33 11.80 -3.64 -14.10
N PRO A 34 12.29 -2.82 -15.05
CA PRO A 34 13.23 -1.74 -14.72
C PRO A 34 12.57 -0.55 -14.03
N ASP A 35 11.24 -0.49 -14.06
CA ASP A 35 10.49 0.60 -13.45
C ASP A 35 9.08 0.14 -13.11
N ASN A 36 8.27 1.06 -12.60
CA ASN A 36 6.88 0.76 -12.26
C ASN A 36 5.89 1.45 -13.20
N THR A 37 6.34 1.76 -14.41
CA THR A 37 5.50 2.53 -15.34
C THR A 37 5.16 1.81 -16.64
N THR A 38 5.79 0.66 -16.87
CA THR A 38 5.60 -0.05 -18.13
C THR A 38 4.77 -1.32 -17.93
N PHE A 39 5.42 -2.41 -17.53
CA PHE A 39 4.67 -3.64 -17.27
C PHE A 39 5.54 -4.69 -16.58
N PHE A 40 4.91 -5.75 -16.10
CA PHE A 40 5.63 -6.85 -15.46
C PHE A 40 6.64 -7.42 -16.43
N VAL A 41 7.83 -7.71 -15.92
CA VAL A 41 8.82 -8.49 -16.66
C VAL A 41 9.25 -9.66 -15.77
N MET A 42 8.74 -10.84 -16.10
CA MET A 42 8.95 -12.01 -15.26
C MET A 42 9.34 -13.19 -16.14
N ASN A 43 10.50 -13.77 -15.86
CA ASN A 43 11.04 -14.86 -16.69
C ASN A 43 11.21 -16.18 -15.95
N GLU A 44 11.44 -16.09 -14.64
CA GLU A 44 11.78 -17.28 -13.87
C GLU A 44 11.15 -17.23 -12.49
N TRP A 45 11.02 -18.39 -11.85
CA TRP A 45 10.59 -18.46 -10.47
C TRP A 45 11.76 -18.90 -9.59
N LEU A 46 11.86 -18.30 -8.42
CA LEU A 46 12.92 -18.60 -7.46
C LEU A 46 12.39 -19.48 -6.33
N VAL A 47 13.29 -20.27 -5.74
CA VAL A 47 12.92 -21.14 -4.61
C VAL A 47 13.74 -20.82 -3.36
N TYR A 48 13.07 -20.80 -2.22
CA TYR A 48 13.73 -20.56 -0.94
C TYR A 48 13.23 -21.57 0.08
N SER A 49 13.97 -21.75 1.17
CA SER A 49 13.47 -22.62 2.24
C SER A 49 13.92 -22.19 3.62
N SER A 50 13.16 -22.60 4.64
CA SER A 50 13.45 -22.22 6.01
C SER A 50 12.98 -23.28 6.99
N ASP A 51 13.70 -23.47 8.08
CA ASP A 51 13.19 -24.33 9.14
C ASP A 51 12.60 -23.52 10.30
N ASP A 52 12.55 -22.20 10.15
CA ASP A 52 12.02 -21.38 11.25
C ASP A 52 11.12 -20.19 10.83
N MET A 53 10.86 -20.07 9.53
CA MET A 53 10.04 -19.00 8.95
C MET A 53 10.66 -17.61 9.03
N ALA A 54 11.89 -17.54 9.53
CA ALA A 54 12.56 -16.27 9.70
C ALA A 54 13.88 -16.21 8.92
N ASN A 55 14.61 -17.31 8.91
CA ASN A 55 15.88 -17.39 8.19
C ASN A 55 15.73 -18.22 6.92
N TRP A 56 16.06 -17.61 5.78
CA TRP A 56 15.75 -18.23 4.50
C TRP A 56 17.01 -18.56 3.71
N GLU A 57 17.06 -19.79 3.22
CA GLU A 57 18.11 -20.22 2.30
C GLU A 57 17.63 -20.05 0.86
N ALA A 58 18.46 -19.40 0.05
CA ALA A 58 18.17 -19.23 -1.36
C ALA A 58 18.62 -20.44 -2.16
N HIS A 59 17.72 -21.01 -2.94
CA HIS A 59 18.06 -22.14 -3.80
C HIS A 59 18.23 -21.72 -5.25
N GLY A 60 17.88 -20.47 -5.55
CA GLY A 60 17.95 -19.98 -6.92
C GLY A 60 16.72 -20.33 -7.73
N PRO A 61 16.79 -20.12 -9.05
CA PRO A 61 15.69 -20.40 -9.99
C PRO A 61 15.38 -21.88 -10.02
N GLY A 62 14.11 -22.22 -9.86
CA GLY A 62 13.71 -23.62 -9.90
C GLY A 62 13.06 -23.96 -11.22
N LEU A 63 12.66 -22.92 -11.96
CA LEU A 63 11.90 -23.10 -13.18
C LEU A 63 11.84 -21.78 -13.95
N ARG A 64 11.78 -21.87 -15.27
CA ARG A 64 11.69 -20.70 -16.11
C ARG A 64 10.53 -20.85 -17.09
N ALA A 65 9.93 -19.73 -17.47
CA ALA A 65 8.79 -19.80 -18.38
C ALA A 65 9.20 -20.47 -19.69
N LYS A 66 10.44 -20.25 -20.12
CA LYS A 66 10.92 -20.84 -21.37
C LYS A 66 11.19 -22.35 -21.26
N ASP A 67 11.05 -22.91 -20.07
CA ASP A 67 11.19 -24.35 -19.92
C ASP A 67 9.96 -25.06 -20.49
N PHE A 68 8.94 -24.29 -20.84
CA PHE A 68 7.79 -24.85 -21.54
C PHE A 68 7.89 -24.46 -23.01
N THR A 69 8.11 -25.47 -23.85
CA THR A 69 8.41 -25.22 -25.26
C THR A 69 7.29 -24.49 -25.98
N TRP A 70 6.09 -24.60 -25.44
CA TRP A 70 4.88 -24.06 -26.05
C TRP A 70 4.51 -22.68 -25.50
N ALA A 71 5.36 -22.14 -24.63
CA ALA A 71 5.12 -20.82 -24.03
C ALA A 71 5.97 -19.74 -24.66
N LYS A 72 5.45 -18.52 -24.67
CA LYS A 72 6.18 -17.33 -25.11
C LYS A 72 7.10 -16.79 -24.02
N GLY A 73 6.63 -16.83 -22.78
CA GLY A 73 7.35 -16.27 -21.65
C GLY A 73 6.34 -15.89 -20.58
N ASP A 74 6.70 -14.93 -19.72
CA ASP A 74 5.85 -14.46 -18.61
C ASP A 74 5.60 -15.49 -17.50
N ALA A 75 6.52 -15.52 -16.55
CA ALA A 75 6.50 -16.46 -15.43
C ALA A 75 5.55 -15.93 -14.36
N TRP A 76 4.26 -16.07 -14.61
CA TRP A 76 3.27 -15.50 -13.70
C TRP A 76 2.89 -16.45 -12.57
N ALA A 77 1.78 -16.18 -11.90
CA ALA A 77 1.48 -16.85 -10.62
C ALA A 77 1.50 -18.37 -10.71
N SER A 78 2.07 -19.00 -9.70
CA SER A 78 2.24 -20.45 -9.72
C SER A 78 2.05 -21.05 -8.33
N GLN A 79 1.95 -22.37 -8.26
CA GLN A 79 1.77 -23.02 -6.98
C GLN A 79 2.29 -24.45 -7.06
N VAL A 80 2.94 -24.91 -5.98
CA VAL A 80 3.53 -26.25 -5.93
C VAL A 80 2.80 -27.09 -4.88
N ILE A 81 2.60 -28.37 -5.18
CA ILE A 81 1.99 -29.27 -4.22
C ILE A 81 2.66 -30.63 -4.31
N GLU A 82 2.81 -31.30 -3.17
CA GLU A 82 3.44 -32.62 -3.14
C GLU A 82 2.38 -33.71 -3.28
N ARG A 83 2.63 -34.67 -4.14
CA ARG A 83 1.80 -35.88 -4.14
C ARG A 83 2.59 -37.10 -4.53
N ASN A 84 2.47 -38.15 -3.73
CA ASN A 84 3.13 -39.40 -4.04
C ASN A 84 4.62 -39.18 -4.28
N GLY A 85 5.25 -38.43 -3.37
CA GLY A 85 6.68 -38.20 -3.42
C GLY A 85 7.15 -37.29 -4.55
N LYS A 86 6.23 -36.86 -5.40
CA LYS A 86 6.58 -35.91 -6.45
C LYS A 86 6.10 -34.50 -6.14
N PHE A 87 6.65 -33.52 -6.86
CA PHE A 87 6.25 -32.12 -6.68
C PHE A 87 5.72 -31.56 -7.98
N TYR A 88 4.47 -31.14 -7.95
CA TYR A 88 3.81 -30.65 -9.13
C TYR A 88 3.73 -29.15 -9.01
N TRP A 89 4.24 -28.47 -10.03
CA TRP A 89 4.34 -27.01 -10.04
C TRP A 89 3.41 -26.50 -11.14
N TYR A 90 2.28 -25.95 -10.73
CA TYR A 90 1.33 -25.40 -11.67
C TYR A 90 1.70 -23.94 -11.90
N VAL A 91 1.83 -23.58 -13.17
CA VAL A 91 2.32 -22.25 -13.52
C VAL A 91 1.37 -21.51 -14.45
N THR A 92 1.45 -20.18 -14.41
CA THR A 92 0.84 -19.33 -15.42
C THR A 92 1.93 -18.89 -16.38
N VAL A 93 1.68 -19.05 -17.68
CA VAL A 93 2.57 -18.53 -18.71
C VAL A 93 1.76 -18.03 -19.90
N ARG A 94 2.37 -17.14 -20.69
CA ARG A 94 1.75 -16.72 -21.93
CA ARG A 94 1.75 -16.71 -21.94
C ARG A 94 2.01 -17.81 -22.98
N HIS A 95 0.94 -18.33 -23.55
CA HIS A 95 1.06 -19.39 -24.56
C HIS A 95 1.59 -18.81 -25.87
N ASP A 96 2.28 -19.63 -26.65
CA ASP A 96 2.66 -19.20 -28.00
C ASP A 96 1.42 -19.01 -28.85
N ASP A 97 1.60 -18.54 -30.08
CA ASP A 97 0.49 -18.16 -30.93
C ASP A 97 -0.44 -19.29 -31.37
N THR A 98 -0.05 -20.54 -31.13
CA THR A 98 -0.94 -21.66 -31.50
C THR A 98 -2.23 -21.68 -30.67
N LYS A 99 -2.16 -21.19 -29.43
CA LYS A 99 -3.34 -21.09 -28.57
C LYS A 99 -3.29 -19.74 -27.85
N PRO A 100 -3.64 -18.65 -28.55
CA PRO A 100 -3.42 -17.30 -28.05
C PRO A 100 -4.00 -17.04 -26.66
N GLY A 101 -3.21 -16.39 -25.80
CA GLY A 101 -3.66 -16.00 -24.48
C GLY A 101 -2.85 -16.66 -23.40
N PHE A 102 -3.08 -16.29 -22.15
CA PHE A 102 -2.45 -16.97 -21.05
C PHE A 102 -2.97 -18.40 -20.89
N ALA A 103 -2.15 -19.22 -20.26
CA ALA A 103 -2.43 -20.65 -20.13
C ALA A 103 -1.91 -21.12 -18.79
N ILE A 104 -2.38 -22.27 -18.34
CA ILE A 104 -1.83 -22.91 -17.16
C ILE A 104 -1.01 -24.12 -17.60
N GLY A 105 0.23 -24.24 -17.13
CA GLY A 105 1.04 -25.41 -17.42
C GLY A 105 1.39 -26.16 -16.15
N VAL A 106 2.01 -27.32 -16.26
CA VAL A 106 2.41 -28.06 -15.07
C VAL A 106 3.76 -28.73 -15.27
N ALA A 107 4.64 -28.52 -14.30
CA ALA A 107 5.93 -29.20 -14.28
C ALA A 107 5.98 -30.15 -13.09
N VAL A 108 6.94 -31.06 -13.11
CA VAL A 108 7.06 -32.03 -12.04
C VAL A 108 8.52 -32.21 -11.67
N GLY A 109 8.77 -32.48 -10.39
CA GLY A 109 10.12 -32.76 -9.93
C GLY A 109 10.09 -33.79 -8.82
N ASP A 110 11.25 -34.38 -8.52
CA ASP A 110 11.36 -35.40 -7.48
C ASP A 110 11.69 -34.82 -6.12
N SER A 111 11.95 -33.51 -6.08
CA SER A 111 12.31 -32.84 -4.84
C SER A 111 11.74 -31.43 -4.84
N PRO A 112 11.52 -30.85 -3.67
CA PRO A 112 10.94 -29.50 -3.64
C PRO A 112 11.79 -28.47 -4.35
N ILE A 113 13.07 -28.76 -4.59
CA ILE A 113 13.91 -27.80 -5.32
C ILE A 113 14.24 -28.30 -6.72
N GLY A 114 13.50 -29.29 -7.17
CA GLY A 114 13.64 -29.77 -8.53
C GLY A 114 14.77 -30.77 -8.67
N PRO A 115 15.36 -30.87 -9.86
CA PRO A 115 14.94 -30.08 -11.03
C PRO A 115 13.51 -30.36 -11.46
N PHE A 116 12.88 -29.37 -12.08
CA PHE A 116 11.53 -29.48 -12.57
C PHE A 116 11.52 -29.50 -14.09
N LYS A 117 10.62 -30.28 -14.67
CA LYS A 117 10.44 -30.26 -16.12
C LYS A 117 8.95 -30.32 -16.46
N ASP A 118 8.61 -29.78 -17.63
CA ASP A 118 7.25 -29.83 -18.16
C ASP A 118 6.72 -31.27 -18.10
N ALA A 119 5.61 -31.46 -17.38
CA ALA A 119 5.06 -32.79 -17.17
C ALA A 119 4.15 -33.25 -18.31
N LEU A 120 3.80 -32.33 -19.20
CA LEU A 120 2.84 -32.65 -20.27
C LEU A 120 3.39 -32.46 -21.68
N GLY A 121 4.19 -31.43 -21.90
CA GLY A 121 4.64 -31.09 -23.24
C GLY A 121 3.66 -30.18 -23.96
N LYS A 122 2.63 -29.77 -23.21
CA LYS A 122 1.60 -28.87 -23.69
C LYS A 122 0.93 -28.24 -22.47
N ALA A 123 0.05 -27.27 -22.69
CA ALA A 123 -0.67 -26.64 -21.58
C ALA A 123 -1.71 -27.57 -20.98
N LEU A 124 -1.98 -27.38 -19.69
CA LEU A 124 -3.07 -28.04 -18.99
C LEU A 124 -4.39 -27.31 -19.22
N ILE A 125 -4.36 -25.98 -19.14
CA ILE A 125 -5.52 -25.18 -19.51
C ILE A 125 -5.09 -24.16 -20.56
N THR A 126 -5.79 -24.11 -21.69
CA THR A 126 -5.52 -23.09 -22.69
C THR A 126 -6.66 -22.08 -22.69
N ASN A 127 -6.39 -20.89 -23.22
CA ASN A 127 -7.35 -19.79 -23.14
C ASN A 127 -8.70 -20.17 -23.75
N ASP A 128 -8.64 -20.90 -24.86
CA ASP A 128 -9.86 -21.27 -25.59
C ASP A 128 -10.74 -22.34 -24.91
N MET A 129 -10.28 -22.87 -23.78
CA MET A 129 -11.11 -23.79 -23.01
C MET A 129 -12.16 -23.06 -22.19
N THR A 130 -11.98 -21.75 -22.01
CA THR A 130 -12.86 -20.98 -21.15
C THR A 130 -13.23 -19.68 -21.86
N THR A 131 -14.45 -19.60 -22.37
CA THR A 131 -14.79 -18.48 -23.26
C THR A 131 -15.99 -17.66 -22.81
N ASP A 132 -16.29 -17.68 -21.51
CA ASP A 132 -17.38 -16.87 -21.00
C ASP A 132 -16.94 -15.45 -20.72
N THR A 133 -15.67 -15.16 -21.01
CA THR A 133 -15.18 -13.78 -20.96
C THR A 133 -14.29 -13.59 -22.18
N PRO A 134 -14.27 -12.38 -22.74
CA PRO A 134 -13.47 -12.13 -23.93
C PRO A 134 -11.99 -11.90 -23.64
N ILE A 135 -11.63 -11.66 -22.37
CA ILE A 135 -10.23 -11.34 -22.05
C ILE A 135 -9.34 -12.54 -22.34
N ASP A 136 -8.06 -12.30 -22.60
CA ASP A 136 -7.14 -13.40 -22.83
C ASP A 136 -6.14 -13.56 -21.68
N TRP A 137 -6.53 -13.11 -20.49
CA TRP A 137 -5.71 -13.35 -19.30
C TRP A 137 -6.56 -13.90 -18.15
N ASP A 138 -7.67 -14.57 -18.49
CA ASP A 138 -8.51 -15.14 -17.45
C ASP A 138 -7.95 -16.47 -16.94
N ASP A 139 -7.12 -17.13 -17.74
CA ASP A 139 -6.61 -18.44 -17.33
C ASP A 139 -5.25 -18.31 -16.71
N ILE A 140 -5.22 -17.69 -15.54
CA ILE A 140 -3.99 -17.48 -14.80
C ILE A 140 -4.24 -17.84 -13.35
N ASP A 141 -3.14 -17.99 -12.60
CA ASP A 141 -3.21 -18.05 -11.14
C ASP A 141 -3.83 -19.33 -10.61
N PRO A 142 -3.15 -20.46 -10.83
CA PRO A 142 -3.71 -21.76 -10.40
C PRO A 142 -3.46 -22.04 -8.93
N SER A 143 -4.37 -22.79 -8.31
CA SER A 143 -4.21 -23.26 -6.93
C SER A 143 -4.72 -24.70 -6.94
N VAL A 144 -3.97 -25.63 -6.35
CA VAL A 144 -4.37 -27.02 -6.39
C VAL A 144 -4.54 -27.52 -4.97
N PHE A 145 -5.56 -28.34 -4.75
CA PHE A 145 -5.91 -28.77 -3.41
C PHE A 145 -6.31 -30.23 -3.49
N ILE A 146 -5.78 -31.04 -2.57
CA ILE A 146 -6.14 -32.44 -2.49
C ILE A 146 -7.07 -32.65 -1.30
N ASP A 147 -8.29 -33.08 -1.56
CA ASP A 147 -9.29 -33.21 -0.50
C ASP A 147 -9.10 -34.50 0.31
N ASP A 148 -9.78 -34.59 1.45
CA ASP A 148 -9.65 -35.74 2.36
C ASP A 148 -10.00 -37.07 1.70
N ASP A 149 -10.86 -37.05 0.69
CA ASP A 149 -11.24 -38.28 0.00
C ASP A 149 -10.25 -38.68 -1.09
N GLY A 150 -9.21 -37.87 -1.27
CA GLY A 150 -8.19 -38.14 -2.26
C GLY A 150 -8.42 -37.47 -3.61
N GLN A 151 -9.53 -36.75 -3.74
CA GLN A 151 -9.78 -36.04 -4.99
C GLN A 151 -9.00 -34.72 -5.02
N ALA A 152 -8.17 -34.54 -6.05
CA ALA A 152 -7.49 -33.26 -6.25
C ALA A 152 -8.36 -32.37 -7.14
N TYR A 153 -8.18 -31.06 -6.97
CA TYR A 153 -8.94 -30.07 -7.72
C TYR A 153 -7.97 -28.98 -8.14
N LEU A 154 -8.14 -28.49 -9.36
CA LEU A 154 -7.43 -27.29 -9.81
C LEU A 154 -8.37 -26.09 -9.75
N PHE A 155 -7.99 -25.05 -8.99
CA PHE A 155 -8.73 -23.79 -8.94
C PHE A 155 -7.91 -22.77 -9.71
N TRP A 156 -8.56 -21.84 -10.40
CA TRP A 156 -7.80 -20.78 -11.06
C TRP A 156 -8.71 -19.66 -11.51
N GLY A 157 -8.10 -18.60 -12.00
CA GLY A 157 -8.84 -17.58 -12.69
C GLY A 157 -8.49 -16.14 -12.35
N ASN A 158 -8.64 -15.29 -13.36
CA ASN A 158 -8.74 -13.85 -13.18
C ASN A 158 -10.10 -13.45 -13.78
N THR A 159 -10.87 -12.69 -13.01
CA THR A 159 -12.23 -12.25 -13.32
C THR A 159 -13.28 -13.34 -13.23
N ARG A 160 -12.93 -14.55 -13.62
CA ARG A 160 -13.85 -15.68 -13.55
C ARG A 160 -13.21 -16.77 -12.71
N PRO A 161 -13.70 -16.99 -11.47
CA PRO A 161 -13.11 -18.06 -10.65
C PRO A 161 -13.68 -19.41 -11.05
N ARG A 162 -12.81 -20.42 -11.19
CA ARG A 162 -13.25 -21.71 -11.71
C ARG A 162 -12.50 -22.82 -11.01
N TYR A 163 -13.06 -24.01 -11.06
CA TYR A 163 -12.32 -25.18 -10.62
C TYR A 163 -12.73 -26.41 -11.42
N ALA A 164 -11.87 -27.41 -11.38
CA ALA A 164 -12.14 -28.67 -12.07
C ALA A 164 -11.43 -29.77 -11.30
N LYS A 165 -11.97 -30.98 -11.36
CA LYS A 165 -11.24 -32.13 -10.80
C LYS A 165 -9.96 -32.43 -11.59
N LEU A 166 -8.93 -32.89 -10.87
CA LEU A 166 -7.70 -33.39 -11.50
C LEU A 166 -7.61 -34.89 -11.27
N LYS A 167 -7.09 -35.61 -12.26
CA LYS A 167 -6.83 -37.05 -12.08
C LYS A 167 -5.76 -37.25 -11.03
N LYS A 168 -5.64 -38.49 -10.52
CA LYS A 168 -4.62 -38.75 -9.52
C LYS A 168 -3.22 -38.53 -10.07
N ASN A 169 -3.07 -38.60 -11.40
CA ASN A 169 -1.77 -38.33 -11.99
C ASN A 169 -1.42 -36.83 -11.93
N MET A 170 -2.40 -36.03 -11.57
CA MET A 170 -2.20 -34.61 -11.28
C MET A 170 -1.91 -33.73 -12.50
N VAL A 171 -1.96 -34.31 -13.69
CA VAL A 171 -1.60 -33.54 -14.87
C VAL A 171 -2.67 -33.61 -15.97
N GLU A 172 -3.86 -34.08 -15.60
CA GLU A 172 -4.99 -34.14 -16.53
C GLU A 172 -6.28 -33.79 -15.79
N LEU A 173 -7.22 -33.14 -16.48
CA LEU A 173 -8.51 -32.84 -15.85
C LEU A 173 -9.35 -34.10 -15.82
N ASP A 174 -10.26 -34.19 -14.84
CA ASP A 174 -11.03 -35.42 -14.64
C ASP A 174 -12.52 -35.16 -14.52
N GLY A 175 -12.96 -33.98 -14.93
CA GLY A 175 -14.37 -33.63 -14.97
C GLY A 175 -14.57 -32.30 -15.68
N PRO A 176 -15.82 -31.79 -15.68
CA PRO A 176 -16.11 -30.49 -16.29
C PRO A 176 -15.51 -29.32 -15.51
N ILE A 177 -15.32 -28.20 -16.19
CA ILE A 177 -14.92 -26.96 -15.52
C ILE A 177 -16.15 -26.30 -14.92
N ARG A 178 -16.10 -25.96 -13.64
CA ARG A 178 -17.22 -25.32 -12.97
C ARG A 178 -16.92 -23.87 -12.60
N ALA A 179 -17.94 -23.03 -12.72
CA ALA A 179 -17.81 -21.63 -12.32
C ALA A 179 -18.06 -21.55 -10.82
N ILE A 180 -17.21 -20.84 -10.10
CA ILE A 180 -17.39 -20.71 -8.66
C ILE A 180 -18.28 -19.52 -8.27
N GLU A 181 -19.24 -19.75 -7.38
CA GLU A 181 -20.15 -18.70 -6.93
C GLU A 181 -19.91 -18.41 -5.46
N GLY A 182 -20.18 -17.18 -5.04
CA GLY A 182 -20.07 -16.81 -3.64
C GLY A 182 -18.88 -15.93 -3.30
N LEU A 183 -18.13 -15.50 -4.32
CA LEU A 183 -16.93 -14.66 -4.10
C LEU A 183 -17.12 -13.25 -4.66
N PRO A 184 -17.68 -12.36 -3.85
CA PRO A 184 -17.96 -10.99 -4.32
C PRO A 184 -16.70 -10.24 -4.71
N GLU A 185 -16.80 -9.51 -5.82
CA GLU A 185 -15.71 -8.71 -6.36
C GLU A 185 -14.45 -9.54 -6.63
N PHE A 186 -14.62 -10.79 -7.05
CA PHE A 186 -13.47 -11.62 -7.35
C PHE A 186 -12.56 -11.02 -8.42
N THR A 187 -11.27 -10.93 -8.13
CA THR A 187 -10.34 -10.51 -9.17
C THR A 187 -9.39 -11.63 -9.62
N GLU A 188 -8.63 -12.20 -8.68
CA GLU A 188 -7.65 -13.23 -9.01
C GLU A 188 -7.07 -13.86 -7.73
N ALA A 189 -5.97 -14.59 -7.87
CA ALA A 189 -5.21 -15.09 -6.72
C ALA A 189 -5.98 -16.01 -5.76
N ILE A 190 -6.68 -16.99 -6.29
CA ILE A 190 -7.32 -17.97 -5.40
C ILE A 190 -6.27 -18.76 -4.61
N TRP A 191 -6.50 -18.88 -3.31
CA TRP A 191 -5.78 -19.85 -2.50
C TRP A 191 -6.80 -20.63 -1.69
N VAL A 192 -6.71 -21.97 -1.74
CA VAL A 192 -7.65 -22.78 -0.98
C VAL A 192 -6.89 -23.54 0.10
N HIS A 193 -7.44 -23.54 1.31
CA HIS A 193 -6.87 -24.36 2.39
C HIS A 193 -7.96 -24.86 3.33
N LYS A 194 -7.60 -25.82 4.17
CA LYS A 194 -8.56 -26.37 5.13
C LYS A 194 -7.94 -26.27 6.51
N TYR A 195 -8.76 -25.90 7.48
CA TYR A 195 -8.31 -25.86 8.87
C TYR A 195 -9.45 -26.37 9.74
N GLN A 196 -9.15 -27.37 10.55
CA GLN A 196 -10.20 -28.10 11.25
C GLN A 196 -11.26 -28.53 10.24
N ASP A 197 -12.52 -28.20 10.47
CA ASP A 197 -13.56 -28.70 9.58
C ASP A 197 -14.09 -27.68 8.58
N ASN A 198 -13.31 -26.62 8.35
CA ASN A 198 -13.72 -25.58 7.42
C ASN A 198 -12.78 -25.47 6.24
N TYR A 199 -13.35 -25.21 5.08
CA TYR A 199 -12.57 -24.92 3.88
C TYR A 199 -12.53 -23.41 3.71
N TYR A 200 -11.40 -22.89 3.25
CA TYR A 200 -11.21 -21.44 3.12
C TYR A 200 -10.79 -21.15 1.68
N LEU A 201 -11.44 -20.17 1.06
CA LEU A 201 -11.02 -19.75 -0.26
C LEU A 201 -10.76 -18.26 -0.17
N SER A 202 -9.50 -17.88 -0.22
CA SER A 202 -9.12 -16.47 -0.13
C SER A 202 -8.71 -16.01 -1.53
N TYR A 203 -8.88 -14.71 -1.80
CA TYR A 203 -8.68 -14.28 -3.17
C TYR A 203 -8.47 -12.79 -3.22
N ALA A 204 -7.79 -12.33 -4.26
CA ALA A 204 -7.64 -10.90 -4.51
C ALA A 204 -9.00 -10.38 -4.93
N MET A 205 -9.40 -9.26 -4.36
CA MET A 205 -10.77 -8.78 -4.40
C MET A 205 -10.79 -7.29 -4.76
N GLY A 206 -11.59 -6.93 -5.76
CA GLY A 206 -11.64 -5.56 -6.24
C GLY A 206 -10.33 -5.15 -6.90
N PHE A 207 -10.16 -3.84 -7.13
CA PHE A 207 -8.91 -3.34 -7.67
C PHE A 207 -8.85 -1.83 -7.48
N PRO A 208 -7.76 -1.32 -6.88
CA PRO A 208 -6.60 -2.01 -6.31
C PRO A 208 -7.01 -3.09 -5.30
N GLU A 209 -6.24 -4.17 -5.25
CA GLU A 209 -6.72 -5.41 -4.64
C GLU A 209 -6.59 -5.50 -3.12
N LYS A 210 -7.67 -5.94 -2.49
CA LYS A 210 -7.62 -6.39 -1.11
C LYS A 210 -7.60 -7.92 -1.21
N ILE A 211 -7.49 -8.60 -0.08
CA ILE A 211 -7.75 -10.04 -0.06
C ILE A 211 -9.03 -10.28 0.70
N GLY A 212 -10.03 -10.86 0.04
CA GLY A 212 -11.24 -11.30 0.70
C GLY A 212 -11.18 -12.80 0.91
N TYR A 213 -12.13 -13.34 1.65
CA TYR A 213 -12.21 -14.79 1.77
C TYR A 213 -13.63 -15.28 2.05
N ALA A 214 -13.85 -16.54 1.69
CA ALA A 214 -15.11 -17.21 1.93
C ALA A 214 -14.80 -18.53 2.64
N MET A 215 -15.78 -19.04 3.39
CA MET A 215 -15.64 -20.33 4.05
C MET A 215 -16.70 -21.31 3.51
N GLY A 216 -16.37 -22.59 3.53
CA GLY A 216 -17.29 -23.59 3.02
C GLY A 216 -17.19 -24.83 3.88
N LYS A 217 -18.24 -25.65 3.90
CA LYS A 217 -18.20 -26.90 4.65
C LYS A 217 -17.68 -28.03 3.78
N SER A 218 -17.48 -27.75 2.50
CA SER A 218 -16.89 -28.73 1.60
C SER A 218 -16.05 -28.01 0.54
N ILE A 219 -15.19 -28.75 -0.14
CA ILE A 219 -14.34 -28.17 -1.17
C ILE A 219 -15.16 -27.61 -2.34
N LYS A 220 -16.42 -28.03 -2.40
CA LYS A 220 -17.34 -27.57 -3.44
C LYS A 220 -18.22 -26.43 -2.94
N GLY A 221 -17.97 -25.99 -1.71
CA GLY A 221 -18.80 -24.98 -1.08
C GLY A 221 -20.05 -25.61 -0.47
N PRO A 222 -21.18 -24.88 -0.47
CA PRO A 222 -21.26 -23.51 -1.03
C PRO A 222 -20.39 -22.52 -0.25
N TRP A 223 -19.88 -21.54 -0.98
CA TRP A 223 -18.96 -20.58 -0.41
C TRP A 223 -19.73 -19.40 0.17
N VAL A 224 -19.40 -19.08 1.42
CA VAL A 224 -20.00 -17.97 2.13
C VAL A 224 -18.92 -16.94 2.44
N TYR A 225 -19.04 -15.77 1.81
CA TYR A 225 -18.09 -14.68 2.02
C TYR A 225 -18.05 -14.23 3.47
N LYS A 226 -16.85 -14.07 4.02
CA LYS A 226 -16.73 -13.72 5.43
C LYS A 226 -16.07 -12.36 5.65
N GLY A 227 -15.55 -11.77 4.58
CA GLY A 227 -15.04 -10.41 4.70
C GLY A 227 -13.60 -10.22 4.25
N ILE A 228 -13.00 -9.13 4.71
CA ILE A 228 -11.67 -8.73 4.27
C ILE A 228 -10.61 -9.40 5.12
N LEU A 229 -9.72 -10.15 4.47
CA LEU A 229 -8.59 -10.79 5.13
C LEU A 229 -7.34 -9.89 5.14
N ASN A 230 -7.12 -9.15 4.05
CA ASN A 230 -5.97 -8.24 3.96
C ASN A 230 -6.37 -6.92 3.30
N GLU A 231 -5.97 -5.82 3.92
CA GLU A 231 -6.13 -4.51 3.31
C GLU A 231 -5.24 -4.43 2.07
N VAL A 232 -5.42 -3.38 1.27
CA VAL A 232 -4.55 -3.12 0.12
C VAL A 232 -3.10 -3.12 0.62
N ALA A 233 -2.20 -3.79 -0.10
CA ALA A 233 -0.83 -3.92 0.39
C ALA A 233 0.00 -2.67 0.09
N GLY A 234 1.05 -2.47 0.89
CA GLY A 234 1.83 -1.24 0.82
C GLY A 234 2.43 -1.05 -0.57
N ASN A 235 2.10 0.07 -1.22
CA ASN A 235 2.63 0.42 -2.54
C ASN A 235 2.52 -0.61 -3.66
N THR A 236 1.43 -1.38 -3.68
CA THR A 236 1.14 -2.27 -4.79
C THR A 236 -0.37 -2.42 -5.00
N PRO A 237 -0.81 -2.45 -6.27
CA PRO A 237 -2.24 -2.66 -6.54
C PRO A 237 -2.59 -4.15 -6.65
N THR A 238 -1.58 -5.00 -6.74
CA THR A 238 -1.84 -6.44 -6.66
C THR A 238 -1.51 -6.97 -5.28
N ASN A 239 -2.37 -7.87 -4.80
CA ASN A 239 -2.28 -8.42 -3.45
C ASN A 239 -2.35 -9.92 -3.71
N HIS A 240 -1.28 -10.67 -3.49
CA HIS A 240 -1.25 -12.10 -3.83
CA HIS A 240 -1.28 -12.09 -3.82
C HIS A 240 -0.72 -12.86 -2.64
N GLN A 241 -1.49 -13.85 -2.18
CA GLN A 241 -1.28 -14.47 -0.89
C GLN A 241 -1.07 -15.98 -0.94
N ALA A 242 -0.44 -16.50 0.10
CA ALA A 242 -0.43 -17.95 0.36
C ALA A 242 -0.57 -18.11 1.87
N ILE A 243 -1.27 -19.16 2.30
CA ILE A 243 -1.51 -19.37 3.73
C ILE A 243 -1.08 -20.80 4.07
N ILE A 244 -0.21 -20.93 5.06
CA ILE A 244 0.26 -22.25 5.48
C ILE A 244 0.33 -22.36 6.98
N GLU A 245 0.31 -23.60 7.46
CA GLU A 245 0.53 -23.85 8.88
C GLU A 245 1.92 -24.45 9.02
N PHE A 246 2.68 -23.96 10.01
CA PHE A 246 4.01 -24.48 10.26
C PHE A 246 4.35 -24.40 11.73
N ASN A 247 4.73 -25.53 12.32
CA ASN A 247 5.08 -25.54 13.73
C ASN A 247 4.04 -24.88 14.62
N ASN A 248 2.78 -25.27 14.44
CA ASN A 248 1.68 -24.84 15.28
C ASN A 248 1.37 -23.34 15.23
N LYS A 249 1.86 -22.69 14.18
CA LYS A 249 1.46 -21.32 13.91
C LYS A 249 0.97 -21.24 12.47
N HIS A 250 0.28 -20.15 12.13
CA HIS A 250 -0.23 -19.98 10.77
C HIS A 250 0.37 -18.73 10.16
N TYR A 251 0.71 -18.82 8.89
CA TYR A 251 1.44 -17.74 8.24
C TYR A 251 0.74 -17.25 7.00
N PHE A 252 0.74 -15.94 6.83
CA PHE A 252 0.18 -15.29 5.67
C PHE A 252 1.35 -14.70 4.88
N ILE A 253 1.61 -15.28 3.72
CA ILE A 253 2.75 -14.90 2.90
C ILE A 253 2.20 -14.12 1.70
N TYR A 254 2.79 -12.97 1.43
CA TYR A 254 2.19 -12.04 0.46
C TYR A 254 3.27 -11.18 -0.17
N HIS A 255 2.86 -10.18 -0.96
CA HIS A 255 3.87 -9.28 -1.52
C HIS A 255 3.50 -7.81 -1.35
N THR A 256 4.52 -6.96 -1.38
CA THR A 256 4.30 -5.52 -1.28
C THR A 256 5.15 -4.82 -2.32
N GLY A 257 4.99 -3.50 -2.42
CA GLY A 257 5.84 -2.70 -3.27
C GLY A 257 6.78 -1.88 -2.39
N ALA A 258 7.09 -2.39 -1.21
CA ALA A 258 7.81 -1.62 -0.21
C ALA A 258 9.33 -1.78 -0.28
N GLY A 259 9.78 -2.56 -1.26
CA GLY A 259 11.20 -2.84 -1.42
C GLY A 259 11.98 -1.68 -2.00
N ARG A 260 13.30 -1.81 -1.99
CA ARG A 260 14.16 -0.76 -2.54
C ARG A 260 15.17 -1.38 -3.51
N PRO A 261 15.62 -0.60 -4.50
CA PRO A 261 15.17 0.78 -4.74
C PRO A 261 13.89 0.78 -5.56
N ASP A 262 13.04 1.78 -5.36
CA ASP A 262 11.91 2.02 -6.25
C ASP A 262 11.04 0.76 -6.37
N GLY A 263 10.71 0.16 -5.24
CA GLY A 263 9.68 -0.88 -5.24
C GLY A 263 8.37 -0.29 -5.73
N GLY A 264 7.51 -1.13 -6.27
CA GLY A 264 6.22 -0.64 -6.74
C GLY A 264 5.48 -1.73 -7.48
N GLN A 265 4.49 -1.33 -8.28
CA GLN A 265 3.56 -2.29 -8.86
C GLN A 265 4.21 -3.37 -9.73
N TYR A 266 5.34 -3.07 -10.35
CA TYR A 266 6.02 -4.08 -11.17
C TYR A 266 7.34 -4.51 -10.56
N ARG A 267 7.60 -4.09 -9.32
CA ARG A 267 8.84 -4.40 -8.62
C ARG A 267 8.48 -4.72 -7.16
N ARG A 268 8.02 -5.95 -6.95
CA ARG A 268 7.39 -6.33 -5.69
C ARG A 268 8.35 -7.14 -4.82
N SER A 269 7.95 -7.36 -3.57
CA SER A 269 8.79 -8.02 -2.57
C SER A 269 7.97 -8.89 -1.65
N VAL A 270 8.34 -10.16 -1.53
CA VAL A 270 7.62 -11.05 -0.64
C VAL A 270 7.75 -10.65 0.83
N SER A 271 6.64 -10.76 1.56
CA SER A 271 6.60 -10.45 2.99
C SER A 271 5.84 -11.53 3.74
N ILE A 272 6.02 -11.61 5.05
CA ILE A 272 5.31 -12.62 5.84
C ILE A 272 4.82 -12.05 7.16
N ASP A 273 3.58 -12.36 7.49
CA ASP A 273 3.04 -12.02 8.81
C ASP A 273 2.21 -13.18 9.34
N GLU A 274 1.92 -13.16 10.63
CA GLU A 274 1.21 -14.27 11.24
C GLU A 274 -0.30 -14.16 10.99
N LEU A 275 -0.96 -15.29 10.91
CA LEU A 275 -2.40 -15.34 10.73
C LEU A 275 -3.01 -15.99 11.96
N PHE A 276 -4.16 -15.46 12.40
CA PHE A 276 -4.84 -15.94 13.60
C PHE A 276 -6.31 -16.28 13.34
N TYR A 277 -6.78 -17.36 13.96
CA TYR A 277 -8.18 -17.76 13.86
C TYR A 277 -8.96 -17.34 15.08
N ASN A 278 -10.22 -16.98 14.84
CA ASN A 278 -11.20 -16.80 15.90
C ASN A 278 -11.76 -18.16 16.26
N PRO A 279 -12.39 -18.25 17.44
CA PRO A 279 -12.97 -19.52 17.88
C PRO A 279 -14.00 -20.07 16.89
N ASP A 280 -14.71 -19.21 16.18
CA ASP A 280 -15.74 -19.70 15.25
C ASP A 280 -15.18 -20.08 13.86
N GLY A 281 -13.87 -20.06 13.72
CA GLY A 281 -13.26 -20.48 12.47
C GLY A 281 -12.98 -19.31 11.52
N THR A 282 -13.58 -18.16 11.77
CA THR A 282 -13.24 -16.99 10.95
C THR A 282 -11.79 -16.60 11.22
N ILE A 283 -11.22 -15.80 10.32
CA ILE A 283 -9.83 -15.40 10.42
C ILE A 283 -9.75 -13.93 10.78
N LYS A 284 -8.94 -13.57 11.77
CA LYS A 284 -8.72 -12.17 12.09
C LYS A 284 -8.07 -11.49 10.90
N ARG A 285 -8.47 -10.26 10.62
CA ARG A 285 -7.81 -9.54 9.55
C ARG A 285 -6.31 -9.43 9.81
N ILE A 286 -5.55 -9.66 8.76
CA ILE A 286 -4.10 -9.56 8.82
C ILE A 286 -3.68 -8.17 9.28
N VAL A 287 -2.61 -8.10 10.06
CA VAL A 287 -1.94 -6.83 10.32
C VAL A 287 -0.56 -6.92 9.66
N MET A 288 -0.37 -6.19 8.58
CA MET A 288 0.92 -6.20 7.85
C MET A 288 1.91 -5.36 8.62
N THR A 289 3.11 -5.90 8.86
CA THR A 289 4.09 -5.23 9.71
C THR A 289 5.48 -5.17 9.11
N THR A 290 6.23 -4.15 9.52
CA THR A 290 7.64 -4.06 9.18
C THR A 290 8.42 -5.22 9.81
N GLU A 291 8.12 -5.53 11.06
CA GLU A 291 8.92 -6.47 11.84
C GLU A 291 8.81 -7.92 11.38
N GLY A 292 7.67 -8.28 10.83
CA GLY A 292 7.47 -9.65 10.39
C GLY A 292 7.37 -10.64 11.55
N VAL A 293 7.69 -11.89 11.27
CA VAL A 293 7.45 -12.95 12.24
C VAL A 293 8.74 -13.37 12.96
N ALA A 294 8.58 -13.82 14.19
CA ALA A 294 9.71 -14.32 14.97
C ALA A 294 10.04 -15.74 14.54
N PRO A 295 11.31 -16.14 14.70
CA PRO A 295 11.68 -17.51 14.36
C PRO A 295 10.78 -18.50 15.08
N ASN A 296 10.39 -19.57 14.40
CA ASN A 296 9.55 -20.59 14.99
C ASN A 296 10.13 -21.96 14.63
N LYS A 297 11.24 -22.31 15.28
CA LYS A 297 11.97 -23.53 14.95
C LYS A 297 11.44 -24.73 15.71
N SER A 298 11.46 -25.90 15.08
CA SER A 298 11.09 -27.14 15.77
C SER A 298 12.28 -27.75 16.50
N ALA B 2 -18.13 5.37 7.71
CA ALA B 2 -17.07 6.27 7.25
C ALA B 2 -15.94 5.51 6.55
N GLU B 3 -16.32 4.66 5.61
CA GLU B 3 -15.38 3.77 4.92
C GLU B 3 -14.27 4.52 4.19
N ASN B 4 -13.06 3.98 4.25
CA ASN B 4 -11.91 4.56 3.53
C ASN B 4 -11.76 3.95 2.14
N PRO B 5 -11.41 4.77 1.14
CA PRO B 5 -11.20 6.23 1.23
C PRO B 5 -12.50 7.01 1.37
N ILE B 6 -12.43 8.17 2.01
CA ILE B 6 -13.64 8.90 2.39
C ILE B 6 -14.24 9.76 1.27
N PHE B 7 -13.45 10.10 0.25
CA PHE B 7 -13.93 10.88 -0.89
C PHE B 7 -13.79 10.04 -2.14
N THR B 8 -14.90 9.75 -2.81
CA THR B 8 -14.88 8.78 -3.88
C THR B 8 -15.15 9.36 -5.27
N ASP B 9 -15.33 10.69 -5.37
CA ASP B 9 -15.68 11.29 -6.66
C ASP B 9 -14.54 12.06 -7.32
N VAL B 10 -13.51 12.35 -6.54
CA VAL B 10 -12.27 12.93 -7.06
C VAL B 10 -11.12 12.27 -6.29
N PHE B 11 -9.91 12.38 -6.84
CA PHE B 11 -8.73 11.92 -6.12
C PHE B 11 -8.19 13.08 -5.27
N THR B 12 -7.87 12.79 -4.01
CA THR B 12 -7.42 13.79 -3.05
C THR B 12 -6.12 13.35 -2.38
N ALA B 13 -5.24 14.30 -2.06
CA ALA B 13 -3.91 13.97 -1.55
C ALA B 13 -3.39 14.96 -0.53
N ALA B 14 -2.42 14.52 0.27
CA ALA B 14 -1.68 15.39 1.17
C ALA B 14 -2.62 16.21 2.06
N PRO B 15 -3.46 15.51 2.81
CA PRO B 15 -4.47 16.20 3.63
C PRO B 15 -3.85 16.99 4.78
N ALA B 16 -4.50 18.09 5.12
CA ALA B 16 -4.23 18.84 6.35
C ALA B 16 -5.60 19.10 6.98
N ALA B 17 -5.64 19.31 8.28
CA ALA B 17 -6.93 19.59 8.91
C ALA B 17 -6.78 20.49 10.12
N LEU B 18 -7.91 21.07 10.53
CA LEU B 18 -7.94 21.91 11.73
C LEU B 18 -9.34 21.82 12.32
N VAL B 19 -9.47 22.17 13.59
CA VAL B 19 -10.79 22.21 14.24
C VAL B 19 -11.14 23.67 14.54
N HIS B 20 -12.35 24.07 14.15
CA HIS B 20 -12.83 25.42 14.35
C HIS B 20 -14.29 25.39 14.78
N LYS B 21 -14.56 25.93 15.98
CA LYS B 21 -15.92 25.99 16.51
C LYS B 21 -16.68 24.67 16.30
N GLY B 22 -16.09 23.58 16.78
CA GLY B 22 -16.74 22.29 16.77
C GLY B 22 -16.89 21.57 15.44
N ARG B 23 -16.23 22.07 14.40
CA ARG B 23 -16.21 21.39 13.11
C ARG B 23 -14.77 21.15 12.68
N VAL B 24 -14.54 20.02 12.02
CA VAL B 24 -13.24 19.77 11.41
C VAL B 24 -13.26 20.24 9.97
N TYR B 25 -12.23 20.98 9.58
CA TYR B 25 -12.05 21.38 8.19
C TYR B 25 -10.84 20.64 7.67
N LEU B 26 -11.00 20.03 6.49
CA LEU B 26 -9.98 19.20 5.90
C LEU B 26 -9.65 19.77 4.52
N TYR B 27 -8.35 19.96 4.28
CA TYR B 27 -7.89 20.56 3.04
C TYR B 27 -7.01 19.55 2.32
N ALA B 28 -7.21 19.39 1.02
CA ALA B 28 -6.44 18.39 0.26
C ALA B 28 -6.26 18.84 -1.16
N GLY B 29 -5.11 18.51 -1.75
CA GLY B 29 -4.91 18.78 -3.17
C GLY B 29 -5.70 17.80 -4.00
N ARG B 30 -6.16 18.23 -5.17
CA ARG B 30 -6.86 17.32 -6.08
C ARG B 30 -5.90 16.73 -7.12
N ASP B 31 -5.73 15.40 -7.10
CA ASP B 31 -4.93 14.74 -8.13
C ASP B 31 -5.69 14.71 -9.46
N GLU B 32 -5.07 15.24 -10.51
CA GLU B 32 -5.69 15.27 -11.84
C GLU B 32 -4.91 14.46 -12.86
N ALA B 33 -3.91 13.70 -12.43
CA ALA B 33 -3.19 12.82 -13.37
C ALA B 33 -4.15 11.78 -13.98
N PRO B 34 -4.02 11.54 -15.30
CA PRO B 34 -4.88 10.58 -16.00
C PRO B 34 -4.49 9.13 -15.74
N ASP B 35 -3.28 8.91 -15.22
CA ASP B 35 -2.79 7.56 -14.96
C ASP B 35 -1.74 7.61 -13.86
N ASN B 36 -1.16 6.45 -13.56
CA ASN B 36 -0.14 6.39 -12.53
C ASN B 36 1.24 6.14 -13.10
N THR B 37 1.42 6.52 -14.37
CA THR B 37 2.65 6.22 -15.09
C THR B 37 3.42 7.45 -15.51
N THR B 38 2.90 8.62 -15.19
CA THR B 38 3.54 9.86 -15.61
C THR B 38 4.04 10.71 -14.43
N PHE B 39 3.21 11.60 -13.92
CA PHE B 39 3.59 12.40 -12.76
C PHE B 39 2.38 13.06 -12.15
N PHE B 40 2.54 13.64 -10.97
CA PHE B 40 1.45 14.37 -10.33
C PHE B 40 0.99 15.51 -11.21
N VAL B 41 -0.32 15.67 -11.32
CA VAL B 41 -0.87 16.88 -11.91
C VAL B 41 -1.82 17.50 -10.88
N MET B 42 -1.42 18.61 -10.28
CA MET B 42 -2.22 19.21 -9.21
C MET B 42 -2.31 20.71 -9.40
N ASN B 43 -3.54 21.23 -9.41
CA ASN B 43 -3.78 22.64 -9.71
C ASN B 43 -4.55 23.39 -8.63
N GLU B 44 -5.31 22.66 -7.83
CA GLU B 44 -6.19 23.27 -6.85
C GLU B 44 -6.29 22.43 -5.59
N TRP B 45 -6.68 23.08 -4.50
CA TRP B 45 -6.94 22.39 -3.23
C TRP B 45 -8.42 22.47 -2.90
N LEU B 46 -8.97 21.37 -2.39
CA LEU B 46 -10.39 21.27 -2.05
C LEU B 46 -10.57 21.37 -0.55
N VAL B 47 -11.77 21.77 -0.15
CA VAL B 47 -12.09 21.91 1.26
C VAL B 47 -13.34 21.09 1.59
N TYR B 48 -13.28 20.42 2.74
CA TYR B 48 -14.36 19.59 3.24
C TYR B 48 -14.55 19.92 4.71
N SER B 49 -15.75 19.69 5.23
CA SER B 49 -15.95 19.85 6.67
C SER B 49 -16.88 18.80 7.27
N SER B 50 -16.75 18.60 8.57
CA SER B 50 -17.57 17.61 9.27
C SER B 50 -17.74 18.01 10.72
N ASP B 51 -18.88 17.66 11.32
CA ASP B 51 -19.00 17.81 12.77
C ASP B 51 -18.88 16.47 13.50
N ASP B 52 -18.56 15.40 12.77
CA ASP B 52 -18.52 14.07 13.39
C ASP B 52 -17.40 13.17 12.87
N MET B 53 -16.56 13.72 11.98
CA MET B 53 -15.41 13.00 11.43
C MET B 53 -15.77 11.83 10.54
N ALA B 54 -17.06 11.68 10.25
CA ALA B 54 -17.53 10.57 9.44
C ALA B 54 -18.35 11.05 8.24
N ASN B 55 -19.17 12.07 8.43
CA ASN B 55 -19.97 12.63 7.36
C ASN B 55 -19.41 13.97 6.91
N TRP B 56 -18.98 14.02 5.65
CA TRP B 56 -18.23 15.15 5.15
C TRP B 56 -19.03 15.93 4.12
N GLU B 57 -19.03 17.25 4.30
CA GLU B 57 -19.57 18.16 3.30
C GLU B 57 -18.45 18.64 2.37
N ALA B 58 -18.68 18.53 1.06
CA ALA B 58 -17.72 19.03 0.08
C ALA B 58 -17.96 20.52 -0.18
N HIS B 59 -16.95 21.35 0.02
CA HIS B 59 -17.07 22.78 -0.25
C HIS B 59 -16.48 23.19 -1.59
N GLY B 60 -15.79 22.26 -2.25
CA GLY B 60 -15.19 22.55 -3.52
C GLY B 60 -13.83 23.22 -3.35
N PRO B 61 -13.28 23.72 -4.46
CA PRO B 61 -11.94 24.33 -4.43
C PRO B 61 -11.89 25.57 -3.53
N GLY B 62 -10.90 25.62 -2.65
CA GLY B 62 -10.71 26.75 -1.75
C GLY B 62 -9.60 27.68 -2.20
N LEU B 63 -8.70 27.16 -3.03
CA LEU B 63 -7.51 27.90 -3.46
C LEU B 63 -6.92 27.18 -4.66
N ARG B 64 -6.23 27.92 -5.51
CA ARG B 64 -5.61 27.34 -6.71
C ARG B 64 -4.17 27.82 -6.79
N ALA B 65 -3.29 27.00 -7.35
CA ALA B 65 -1.88 27.37 -7.39
C ALA B 65 -1.74 28.70 -8.13
N LYS B 66 -2.61 28.91 -9.11
CA LYS B 66 -2.51 30.12 -9.92
C LYS B 66 -3.14 31.37 -9.29
N ASP B 67 -3.73 31.21 -8.11
CA ASP B 67 -4.11 32.37 -7.29
C ASP B 67 -2.86 33.10 -6.77
N PHE B 68 -1.70 32.50 -6.98
CA PHE B 68 -0.44 33.15 -6.65
C PHE B 68 0.22 33.57 -7.97
N THR B 69 0.25 34.86 -8.25
CA THR B 69 0.71 35.34 -9.55
C THR B 69 2.19 35.01 -9.85
N TRP B 70 2.97 34.82 -8.80
CA TRP B 70 4.39 34.48 -8.93
C TRP B 70 4.65 32.97 -9.11
N ALA B 71 3.59 32.18 -9.12
CA ALA B 71 3.71 30.74 -9.25
C ALA B 71 3.41 30.24 -10.66
N LYS B 72 4.04 29.13 -11.04
CA LYS B 72 3.79 28.47 -12.32
C LYS B 72 2.60 27.50 -12.24
N GLY B 73 2.42 26.90 -11.07
CA GLY B 73 1.44 25.84 -10.90
C GLY B 73 1.89 24.87 -9.82
N ASP B 74 1.37 23.64 -9.88
CA ASP B 74 1.69 22.57 -8.94
C ASP B 74 1.22 22.83 -7.52
N ALA B 75 -0.06 22.59 -7.30
CA ALA B 75 -0.67 22.80 -6.00
C ALA B 75 -0.31 21.64 -5.05
N TRP B 76 0.89 21.69 -4.48
CA TRP B 76 1.40 20.60 -3.66
C TRP B 76 1.11 20.81 -2.16
N ALA B 77 1.84 20.11 -1.28
CA ALA B 77 1.38 19.98 0.11
C ALA B 77 1.17 21.32 0.81
N SER B 78 0.12 21.40 1.61
CA SER B 78 -0.25 22.67 2.24
C SER B 78 -0.78 22.41 3.66
N GLN B 79 -0.98 23.48 4.41
CA GLN B 79 -1.55 23.37 5.74
C GLN B 79 -2.21 24.68 6.14
N VAL B 80 -3.30 24.58 6.89
CA VAL B 80 -4.05 25.78 7.28
C VAL B 80 -4.01 25.91 8.79
N ILE B 81 -3.86 27.12 9.30
CA ILE B 81 -3.91 27.33 10.74
C ILE B 81 -4.65 28.63 11.06
N GLU B 82 -5.38 28.62 12.17
CA GLU B 82 -6.13 29.79 12.58
C GLU B 82 -5.28 30.64 13.54
N ARG B 83 -5.29 31.95 13.33
CA ARG B 83 -4.73 32.86 14.33
C ARG B 83 -5.41 34.23 14.27
N ASN B 84 -5.84 34.71 15.43
CA ASN B 84 -6.44 36.04 15.55
C ASN B 84 -7.55 36.29 14.55
N GLY B 85 -8.46 35.33 14.47
CA GLY B 85 -9.65 35.47 13.63
C GLY B 85 -9.38 35.29 12.14
N LYS B 86 -8.15 34.93 11.79
CA LYS B 86 -7.81 34.72 10.40
C LYS B 86 -7.32 33.29 10.18
N PHE B 87 -7.38 32.86 8.93
CA PHE B 87 -6.90 31.52 8.57
C PHE B 87 -5.80 31.67 7.55
N TYR B 88 -4.64 31.13 7.88
CA TYR B 88 -3.44 31.22 7.06
C TYR B 88 -3.19 29.86 6.44
N TRP B 89 -3.10 29.86 5.11
CA TRP B 89 -2.97 28.64 4.34
C TRP B 89 -1.58 28.65 3.70
N TYR B 90 -0.67 27.83 4.23
CA TYR B 90 0.68 27.74 3.71
C TYR B 90 0.70 26.66 2.64
N VAL B 91 1.26 27.00 1.49
CA VAL B 91 1.19 26.12 0.34
C VAL B 91 2.56 25.88 -0.25
N THR B 92 2.72 24.70 -0.87
CA THR B 92 3.83 24.45 -1.79
C THR B 92 3.36 24.70 -3.22
N VAL B 93 4.13 25.50 -3.97
CA VAL B 93 3.87 25.65 -5.40
C VAL B 93 5.18 25.72 -6.15
N ARG B 94 5.12 25.48 -7.46
CA ARG B 94 6.29 25.70 -8.29
CA ARG B 94 6.29 25.70 -8.29
C ARG B 94 6.38 27.20 -8.61
N HIS B 95 7.52 27.80 -8.28
CA HIS B 95 7.71 29.24 -8.49
C HIS B 95 7.91 29.50 -9.97
N ASP B 96 7.56 30.70 -10.43
CA ASP B 96 7.90 31.11 -11.80
C ASP B 96 9.42 31.25 -11.96
N ASP B 97 9.86 31.48 -13.19
CA ASP B 97 11.27 31.47 -13.53
C ASP B 97 12.13 32.53 -12.83
N THR B 98 11.51 33.52 -12.18
CA THR B 98 12.29 34.57 -11.50
C THR B 98 13.03 34.03 -10.28
N LYS B 99 12.56 32.91 -9.73
CA LYS B 99 13.21 32.23 -8.60
C LYS B 99 12.99 30.73 -8.75
N PRO B 100 13.70 30.11 -9.70
CA PRO B 100 13.42 28.73 -10.12
C PRO B 100 13.42 27.72 -8.96
N GLY B 101 12.48 26.78 -9.02
CA GLY B 101 12.38 25.73 -8.01
C GLY B 101 11.07 25.82 -7.27
N PHE B 102 10.82 24.86 -6.38
CA PHE B 102 9.63 24.92 -5.55
C PHE B 102 9.76 25.97 -4.47
N ALA B 103 8.61 26.46 -3.99
CA ALA B 103 8.59 27.55 -3.04
C ALA B 103 7.42 27.33 -2.09
N ILE B 104 7.45 28.04 -0.96
CA ILE B 104 6.32 28.03 -0.04
C ILE B 104 5.64 29.39 -0.08
N GLY B 105 4.31 29.37 -0.26
CA GLY B 105 3.52 30.58 -0.29
C GLY B 105 2.56 30.62 0.88
N VAL B 106 1.86 31.73 1.04
CA VAL B 106 0.85 31.80 2.09
C VAL B 106 -0.34 32.65 1.67
N ALA B 107 -1.54 32.10 1.88
CA ALA B 107 -2.77 32.83 1.63
C ALA B 107 -3.50 33.05 2.95
N VAL B 108 -4.45 33.98 2.95
CA VAL B 108 -5.19 34.31 4.17
C VAL B 108 -6.66 34.48 3.83
N GLY B 109 -7.52 34.12 4.76
CA GLY B 109 -8.95 34.22 4.60
C GLY B 109 -9.59 34.51 5.95
N ASP B 110 -10.83 34.98 5.92
CA ASP B 110 -11.56 35.35 7.13
C ASP B 110 -12.36 34.20 7.72
N SER B 111 -12.44 33.10 6.98
CA SER B 111 -13.11 31.92 7.50
C SER B 111 -12.36 30.67 7.02
N PRO B 112 -12.66 29.51 7.64
CA PRO B 112 -12.00 28.26 7.27
C PRO B 112 -12.29 27.84 5.84
N ILE B 113 -13.36 28.36 5.24
CA ILE B 113 -13.62 28.06 3.84
C ILE B 113 -13.33 29.25 2.93
N GLY B 114 -12.57 30.22 3.44
CA GLY B 114 -12.19 31.37 2.64
C GLY B 114 -13.28 32.44 2.56
N PRO B 115 -13.29 33.22 1.47
CA PRO B 115 -12.33 33.14 0.36
C PRO B 115 -10.88 33.38 0.80
N PHE B 116 -9.94 32.78 0.07
CA PHE B 116 -8.52 32.91 0.37
C PHE B 116 -7.81 33.71 -0.72
N LYS B 117 -6.86 34.55 -0.31
CA LYS B 117 -6.06 35.33 -1.25
C LYS B 117 -4.61 35.36 -0.79
N ASP B 118 -3.69 35.48 -1.73
CA ASP B 118 -2.26 35.58 -1.43
C ASP B 118 -2.06 36.66 -0.37
N ALA B 119 -1.36 36.31 0.71
CA ALA B 119 -1.20 37.22 1.83
C ALA B 119 0.09 38.06 1.72
N LEU B 120 0.89 37.75 0.71
CA LEU B 120 2.20 38.40 0.56
C LEU B 120 2.39 39.06 -0.80
N GLY B 121 1.94 38.40 -1.85
CA GLY B 121 2.20 38.86 -3.20
C GLY B 121 3.54 38.33 -3.72
N LYS B 122 4.18 37.50 -2.90
CA LYS B 122 5.42 36.84 -3.27
C LYS B 122 5.55 35.58 -2.41
N ALA B 123 6.54 34.75 -2.72
CA ALA B 123 6.78 33.54 -1.91
C ALA B 123 7.27 33.88 -0.51
N LEU B 124 6.90 33.06 0.47
CA LEU B 124 7.48 33.15 1.81
C LEU B 124 8.87 32.52 1.85
N ILE B 125 9.01 31.37 1.21
CA ILE B 125 10.31 30.72 1.07
C ILE B 125 10.56 30.44 -0.41
N THR B 126 11.70 30.91 -0.91
CA THR B 126 12.11 30.59 -2.28
C THR B 126 13.27 29.63 -2.24
N ASN B 127 13.45 28.87 -3.32
CA ASN B 127 14.46 27.84 -3.39
C ASN B 127 15.84 28.33 -2.97
N ASP B 128 16.21 29.53 -3.41
CA ASP B 128 17.56 30.06 -3.22
C ASP B 128 17.87 30.46 -1.78
N MET B 129 16.84 30.51 -0.93
CA MET B 129 17.05 30.77 0.49
C MET B 129 17.70 29.59 1.19
N THR B 130 17.71 28.44 0.53
CA THR B 130 18.24 27.23 1.14
C THR B 130 19.12 26.48 0.15
N THR B 131 20.44 26.58 0.28
CA THR B 131 21.31 26.04 -0.75
C THR B 131 22.26 24.94 -0.28
N ASP B 132 22.00 24.36 0.88
CA ASP B 132 22.83 23.25 1.36
C ASP B 132 22.59 21.96 0.57
N THR B 133 21.68 22.03 -0.40
CA THR B 133 21.44 20.94 -1.35
C THR B 133 21.13 21.54 -2.72
N PRO B 134 21.59 20.88 -3.79
CA PRO B 134 21.36 21.45 -5.12
C PRO B 134 19.97 21.14 -5.71
N ILE B 135 19.21 20.25 -5.09
CA ILE B 135 17.88 19.94 -5.63
C ILE B 135 16.99 21.17 -5.59
N ASP B 136 15.97 21.19 -6.43
CA ASP B 136 15.10 22.35 -6.49
C ASP B 136 13.69 21.96 -6.07
N TRP B 137 13.59 20.94 -5.23
CA TRP B 137 12.31 20.59 -4.63
C TRP B 137 12.44 20.40 -3.13
N ASP B 138 13.50 20.95 -2.54
CA ASP B 138 13.67 20.82 -1.09
C ASP B 138 12.75 21.73 -0.29
N ASP B 139 12.30 22.82 -0.90
CA ASP B 139 11.42 23.75 -0.15
C ASP B 139 9.96 23.47 -0.42
N ILE B 140 9.50 22.34 0.12
CA ILE B 140 8.12 21.93 -0.02
C ILE B 140 7.59 21.50 1.34
N ASP B 141 6.28 21.40 1.42
CA ASP B 141 5.63 20.69 2.51
C ASP B 141 5.74 21.41 3.84
N PRO B 142 5.09 22.57 3.94
CA PRO B 142 5.14 23.37 5.17
C PRO B 142 4.20 22.84 6.25
N SER B 143 4.62 22.97 7.51
CA SER B 143 3.77 22.72 8.68
C SER B 143 3.99 23.90 9.61
N VAL B 144 2.90 24.46 10.14
CA VAL B 144 3.02 25.61 11.02
C VAL B 144 2.45 25.28 12.39
N PHE B 145 3.11 25.77 13.44
CA PHE B 145 2.73 25.42 14.79
C PHE B 145 2.82 26.68 15.65
N ILE B 146 1.79 26.91 16.45
CA ILE B 146 1.83 28.01 17.43
C ILE B 146 2.00 27.40 18.81
N ASP B 147 3.11 27.71 19.47
CA ASP B 147 3.43 27.13 20.76
C ASP B 147 2.64 27.86 21.86
N ASP B 148 2.73 27.34 23.07
CA ASP B 148 1.94 27.85 24.20
C ASP B 148 2.32 29.27 24.60
N ASP B 149 3.54 29.67 24.28
CA ASP B 149 4.02 31.02 24.58
C ASP B 149 3.67 32.00 23.46
N GLY B 150 2.91 31.53 22.48
CA GLY B 150 2.49 32.38 21.38
C GLY B 150 3.51 32.52 20.26
N GLN B 151 4.61 31.79 20.34
CA GLN B 151 5.59 31.82 19.27
C GLN B 151 5.20 30.85 18.16
N ALA B 152 4.98 31.36 16.96
CA ALA B 152 4.67 30.52 15.79
C ALA B 152 5.95 30.09 15.08
N TYR B 153 5.91 28.89 14.51
CA TYR B 153 7.06 28.32 13.81
C TYR B 153 6.60 27.73 12.50
N LEU B 154 7.45 27.86 11.48
CA LEU B 154 7.25 27.19 10.21
C LEU B 154 8.25 26.04 10.08
N PHE B 155 7.75 24.81 9.91
CA PHE B 155 8.58 23.65 9.60
C PHE B 155 8.38 23.29 8.14
N TRP B 156 9.43 22.82 7.47
CA TRP B 156 9.24 22.34 6.10
C TRP B 156 10.41 21.53 5.56
N GLY B 157 10.23 20.95 4.39
CA GLY B 157 11.35 20.41 3.64
C GLY B 157 11.14 19.03 3.08
N ASN B 158 11.84 18.79 1.97
CA ASN B 158 12.05 17.46 1.44
C ASN B 158 13.57 17.25 1.47
N THR B 159 13.99 16.10 1.98
CA THR B 159 15.40 15.73 2.10
C THR B 159 16.13 16.45 3.24
N ARG B 160 15.93 17.76 3.34
CA ARG B 160 16.50 18.54 4.43
C ARG B 160 15.39 19.14 5.29
N PRO B 161 15.22 18.63 6.52
CA PRO B 161 14.17 19.19 7.38
C PRO B 161 14.64 20.48 8.05
N ARG B 162 13.80 21.50 8.07
CA ARG B 162 14.19 22.80 8.60
C ARG B 162 13.03 23.45 9.34
N TYR B 163 13.33 24.46 10.15
CA TYR B 163 12.27 25.29 10.71
C TYR B 163 12.78 26.69 10.99
N ALA B 164 11.84 27.59 11.20
CA ALA B 164 12.15 28.98 11.55
C ALA B 164 10.97 29.58 12.31
N LYS B 165 11.26 30.55 13.16
CA LYS B 165 10.19 31.30 13.81
C LYS B 165 9.42 32.13 12.77
N LEU B 166 8.12 32.26 13.00
CA LEU B 166 7.27 33.15 12.23
C LEU B 166 6.86 34.34 13.10
N LYS B 167 6.82 35.53 12.50
CA LYS B 167 6.27 36.70 13.19
C LYS B 167 4.80 36.50 13.50
N LYS B 168 4.26 37.30 14.42
CA LYS B 168 2.87 37.18 14.79
C LYS B 168 1.96 37.46 13.59
N ASN B 169 2.44 38.21 12.61
CA ASN B 169 1.63 38.43 11.41
C ASN B 169 1.50 37.17 10.53
N MET B 170 2.25 36.13 10.89
CA MET B 170 2.16 34.81 10.26
C MET B 170 2.62 34.76 8.79
N VAL B 171 3.19 35.85 8.30
CA VAL B 171 3.65 35.88 6.90
C VAL B 171 5.09 36.34 6.73
N GLU B 172 5.86 36.39 7.82
CA GLU B 172 7.28 36.71 7.75
C GLU B 172 8.06 35.84 8.72
N LEU B 173 9.24 35.41 8.30
CA LEU B 173 10.16 34.73 9.20
C LEU B 173 10.66 35.70 10.26
N ASP B 174 10.94 35.18 11.45
CA ASP B 174 11.39 36.02 12.56
C ASP B 174 12.64 35.44 13.21
N GLY B 175 13.54 34.95 12.39
CA GLY B 175 14.81 34.41 12.86
C GLY B 175 15.50 33.67 11.74
N PRO B 176 16.64 33.04 12.04
CA PRO B 176 17.37 32.26 11.04
C PRO B 176 16.67 30.94 10.73
N ILE B 177 16.97 30.38 9.56
CA ILE B 177 16.48 29.06 9.18
C ILE B 177 17.43 28.03 9.76
N ARG B 178 16.88 27.12 10.57
CA ARG B 178 17.70 26.13 11.25
C ARG B 178 17.42 24.72 10.74
N ALA B 179 18.49 23.94 10.61
CA ALA B 179 18.36 22.54 10.25
C ALA B 179 17.87 21.73 11.45
N ILE B 180 17.01 20.76 11.19
CA ILE B 180 16.49 19.90 12.23
C ILE B 180 17.32 18.62 12.32
N GLU B 181 17.74 18.26 13.54
CA GLU B 181 18.53 17.06 13.76
C GLU B 181 17.73 15.98 14.47
N GLY B 182 18.11 14.73 14.23
CA GLY B 182 17.55 13.61 14.96
C GLY B 182 16.47 12.82 14.23
N LEU B 183 16.26 13.11 12.96
CA LEU B 183 15.23 12.41 12.18
C LEU B 183 15.86 11.47 11.17
N PRO B 184 15.93 10.17 11.48
CA PRO B 184 16.58 9.24 10.55
C PRO B 184 15.76 9.07 9.26
N GLU B 185 16.46 8.99 8.13
CA GLU B 185 15.81 8.73 6.85
C GLU B 185 14.70 9.72 6.54
N PHE B 186 14.92 10.99 6.90
CA PHE B 186 13.93 12.00 6.59
C PHE B 186 13.70 12.15 5.09
N THR B 187 12.45 12.10 4.67
CA THR B 187 12.11 12.37 3.27
C THR B 187 11.31 13.66 3.09
N GLU B 188 10.16 13.77 3.76
CA GLU B 188 9.29 14.93 3.59
C GLU B 188 8.13 14.88 4.59
N ALA B 189 7.10 15.69 4.36
CA ALA B 189 5.83 15.59 5.09
C ALA B 189 5.92 15.77 6.61
N ILE B 190 6.63 16.79 7.06
CA ILE B 190 6.65 17.09 8.49
C ILE B 190 5.27 17.49 8.99
N TRP B 191 4.88 16.98 10.15
CA TRP B 191 3.69 17.46 10.86
C TRP B 191 4.09 17.55 12.31
N VAL B 192 3.84 18.70 12.93
CA VAL B 192 4.17 18.88 14.33
C VAL B 192 2.89 19.07 15.12
N HIS B 193 2.79 18.39 16.25
CA HIS B 193 1.68 18.61 17.17
C HIS B 193 2.10 18.38 18.61
N LYS B 194 1.25 18.84 19.54
CA LYS B 194 1.54 18.70 20.96
C LYS B 194 0.42 17.92 21.60
N TYR B 195 0.77 17.03 22.53
CA TYR B 195 -0.23 16.31 23.29
C TYR B 195 0.27 16.11 24.71
N GLN B 196 -0.53 16.54 25.67
CA GLN B 196 -0.07 16.66 27.04
C GLN B 196 1.25 17.42 27.07
N ASP B 197 2.29 16.81 27.61
CA ASP B 197 3.54 17.53 27.84
C ASP B 197 4.59 17.26 26.77
N ASN B 198 4.20 16.58 25.70
CA ASN B 198 5.18 16.23 24.67
C ASN B 198 4.90 16.83 23.31
N TYR B 199 5.96 17.17 22.60
CA TYR B 199 5.87 17.61 21.20
C TYR B 199 6.19 16.43 20.30
N TYR B 200 5.51 16.35 19.18
CA TYR B 200 5.64 15.25 18.25
C TYR B 200 5.94 15.80 16.86
N LEU B 201 6.97 15.25 16.22
CA LEU B 201 7.27 15.59 14.85
C LEU B 201 7.20 14.29 14.06
N SER B 202 6.19 14.15 13.20
CA SER B 202 6.04 12.95 12.39
C SER B 202 6.40 13.34 10.97
N TYR B 203 6.86 12.36 10.20
CA TYR B 203 7.38 12.68 8.89
C TYR B 203 7.41 11.45 7.99
N ALA B 204 7.34 11.67 6.68
CA ALA B 204 7.54 10.62 5.70
C ALA B 204 9.01 10.21 5.72
N MET B 205 9.24 8.91 5.84
CA MET B 205 10.55 8.37 6.17
C MET B 205 10.95 7.30 5.16
N GLY B 206 12.14 7.44 4.59
CA GLY B 206 12.60 6.51 3.57
C GLY B 206 11.77 6.59 2.30
N PHE B 207 11.92 5.60 1.43
CA PHE B 207 11.15 5.56 0.18
C PHE B 207 11.25 4.16 -0.43
N PRO B 208 10.10 3.54 -0.74
CA PRO B 208 8.70 3.98 -0.53
C PRO B 208 8.44 4.38 0.93
N GLU B 209 7.62 5.40 1.12
CA GLU B 209 7.55 6.10 2.39
C GLU B 209 6.75 5.42 3.47
N LYS B 210 7.37 5.29 4.63
CA LYS B 210 6.63 5.06 5.87
C LYS B 210 6.43 6.41 6.55
N ILE B 211 5.71 6.42 7.67
CA ILE B 211 5.72 7.60 8.53
C ILE B 211 6.50 7.24 9.79
N GLY B 212 7.55 8.01 10.07
CA GLY B 212 8.29 7.87 11.31
C GLY B 212 7.95 9.03 12.24
N TYR B 213 8.38 8.97 13.50
CA TYR B 213 8.16 10.13 14.35
C TYR B 213 9.18 10.23 15.46
N ALA B 214 9.37 11.45 15.93
CA ALA B 214 10.24 11.76 17.05
C ALA B 214 9.45 12.56 18.08
N MET B 215 9.91 12.50 19.34
CA MET B 215 9.30 13.25 20.42
C MET B 215 10.30 14.22 21.01
N GLY B 216 9.81 15.37 21.47
CA GLY B 216 10.64 16.36 22.12
C GLY B 216 9.93 16.97 23.32
N LYS B 217 10.71 17.58 24.21
CA LYS B 217 10.11 18.25 25.36
C LYS B 217 9.93 19.74 25.04
N SER B 218 10.52 20.17 23.93
CA SER B 218 10.39 21.54 23.46
C SER B 218 10.10 21.56 21.95
N ILE B 219 9.48 22.63 21.46
CA ILE B 219 9.25 22.78 20.04
C ILE B 219 10.58 22.94 19.31
N LYS B 220 11.61 23.31 20.05
CA LYS B 220 12.94 23.50 19.46
C LYS B 220 13.76 22.20 19.51
N GLY B 221 13.15 21.12 19.99
CA GLY B 221 13.87 19.88 20.21
C GLY B 221 14.61 19.92 21.53
N PRO B 222 15.59 19.03 21.73
CA PRO B 222 16.05 18.03 20.75
C PRO B 222 14.96 17.01 20.42
N TRP B 223 15.03 16.46 19.22
CA TRP B 223 14.05 15.47 18.80
C TRP B 223 14.63 14.07 18.95
N VAL B 224 13.87 13.18 19.56
CA VAL B 224 14.29 11.80 19.75
C VAL B 224 13.41 10.84 18.96
N TYR B 225 13.99 10.17 17.97
CA TYR B 225 13.23 9.23 17.14
C TYR B 225 12.63 8.09 17.96
N LYS B 226 11.32 7.84 17.76
CA LYS B 226 10.63 6.83 18.54
C LYS B 226 10.15 5.64 17.71
N GLY B 227 10.25 5.73 16.39
CA GLY B 227 9.94 4.59 15.55
C GLY B 227 8.92 4.85 14.45
N ILE B 228 8.33 3.77 13.96
CA ILE B 228 7.40 3.81 12.84
C ILE B 228 5.98 4.06 13.31
N LEU B 229 5.39 5.15 12.82
CA LEU B 229 4.00 5.49 13.13
C LEU B 229 3.06 4.88 12.09
N ASN B 230 3.48 4.83 10.83
CA ASN B 230 2.63 4.27 9.79
C ASN B 230 3.44 3.43 8.80
N GLU B 231 2.97 2.21 8.54
CA GLU B 231 3.54 1.36 7.50
C GLU B 231 3.36 2.05 6.15
N VAL B 232 4.04 1.55 5.12
CA VAL B 232 3.78 2.02 3.75
C VAL B 232 2.29 1.92 3.46
N ALA B 233 1.71 2.98 2.91
CA ALA B 233 0.25 3.02 2.68
C ALA B 233 -0.16 2.21 1.45
N GLY B 234 -1.40 1.74 1.46
CA GLY B 234 -1.91 0.90 0.39
C GLY B 234 -1.76 1.51 -1.01
N ASN B 235 -1.08 0.80 -1.88
CA ASN B 235 -0.87 1.22 -3.26
C ASN B 235 -0.40 2.67 -3.46
N THR B 236 0.47 3.16 -2.59
CA THR B 236 1.13 4.46 -2.81
C THR B 236 2.52 4.51 -2.19
N PRO B 237 3.48 5.10 -2.93
CA PRO B 237 4.82 5.23 -2.36
C PRO B 237 4.98 6.52 -1.58
N THR B 238 4.01 7.43 -1.67
CA THR B 238 4.02 8.61 -0.81
C THR B 238 3.04 8.40 0.33
N ASN B 239 3.46 8.81 1.52
CA ASN B 239 2.72 8.64 2.76
C ASN B 239 2.68 10.05 3.35
N HIS B 240 1.49 10.64 3.43
CA HIS B 240 1.40 12.04 3.88
C HIS B 240 0.27 12.17 4.89
N GLN B 241 0.60 12.68 6.08
CA GLN B 241 -0.27 12.57 7.24
C GLN B 241 -0.59 13.93 7.86
N ALA B 242 -1.70 13.95 8.59
CA ALA B 242 -2.01 15.04 9.49
C ALA B 242 -2.61 14.38 10.74
N ILE B 243 -2.34 14.98 11.89
CA ILE B 243 -2.84 14.44 13.15
C ILE B 243 -3.58 15.53 13.91
N ILE B 244 -4.83 15.25 14.29
CA ILE B 244 -5.61 16.22 15.05
C ILE B 244 -6.39 15.57 16.18
N GLU B 245 -6.75 16.38 17.17
CA GLU B 245 -7.63 15.94 18.23
C GLU B 245 -9.03 16.55 18.02
N PHE B 246 -10.06 15.73 18.16
CA PHE B 246 -11.43 16.17 17.96
C PHE B 246 -12.37 15.35 18.85
N ASN B 247 -13.13 16.05 19.70
CA ASN B 247 -14.09 15.39 20.58
C ASN B 247 -13.51 14.20 21.34
N ASN B 248 -12.38 14.44 22.01
CA ASN B 248 -11.73 13.46 22.88
C ASN B 248 -11.16 12.22 22.18
N LYS B 249 -11.06 12.27 20.86
CA LYS B 249 -10.34 11.23 20.14
C LYS B 249 -9.26 11.88 19.27
N HIS B 250 -8.32 11.06 18.80
CA HIS B 250 -7.24 11.53 17.93
C HIS B 250 -7.34 10.85 16.60
N TYR B 251 -7.09 11.64 15.55
CA TYR B 251 -7.30 11.14 14.20
C TYR B 251 -6.04 11.28 13.37
N PHE B 252 -5.74 10.23 12.63
CA PHE B 252 -4.60 10.20 11.73
C PHE B 252 -5.18 10.23 10.31
N ILE B 253 -4.96 11.34 9.62
CA ILE B 253 -5.55 11.60 8.34
C ILE B 253 -4.43 11.45 7.33
N TYR B 254 -4.65 10.66 6.29
CA TYR B 254 -3.57 10.29 5.38
C TYR B 254 -4.10 10.04 3.98
N HIS B 255 -3.26 9.58 3.06
CA HIS B 255 -3.76 9.21 1.75
C HIS B 255 -3.27 7.83 1.32
N THR B 256 -4.03 7.20 0.41
CA THR B 256 -3.63 5.92 -0.16
C THR B 256 -3.81 5.96 -1.65
N GLY B 257 -3.47 4.85 -2.31
CA GLY B 257 -3.75 4.69 -3.73
C GLY B 257 -4.89 3.70 -3.91
N ALA B 258 -5.76 3.58 -2.90
CA ALA B 258 -6.79 2.53 -2.88
C ALA B 258 -8.08 2.89 -3.60
N GLY B 259 -8.16 4.11 -4.14
CA GLY B 259 -9.37 4.55 -4.83
C GLY B 259 -9.58 3.94 -6.20
N ARG B 260 -10.73 4.25 -6.78
CA ARG B 260 -11.13 3.73 -8.08
C ARG B 260 -11.70 4.87 -8.91
N PRO B 261 -11.52 4.83 -10.24
CA PRO B 261 -10.80 3.78 -10.98
C PRO B 261 -9.30 4.04 -11.04
N ASP B 262 -8.51 2.97 -11.00
CA ASP B 262 -7.08 3.10 -11.18
C ASP B 262 -6.43 4.07 -10.18
N GLY B 263 -6.78 3.95 -8.91
CA GLY B 263 -6.04 4.68 -7.89
C GLY B 263 -4.59 4.22 -7.91
N GLY B 264 -3.69 5.09 -7.49
CA GLY B 264 -2.27 4.73 -7.42
C GLY B 264 -1.40 5.94 -7.09
N GLN B 265 -0.12 5.87 -7.42
CA GLN B 265 0.82 6.87 -6.93
C GLN B 265 0.49 8.31 -7.33
N TYR B 266 -0.18 8.51 -8.46
CA TYR B 266 -0.53 9.87 -8.90
C TYR B 266 -2.01 10.15 -8.84
N ARG B 267 -2.76 9.20 -8.26
CA ARG B 267 -4.23 9.26 -8.19
C ARG B 267 -4.60 8.73 -6.81
N ARG B 268 -4.42 9.59 -5.82
CA ARG B 268 -4.52 9.21 -4.42
C ARG B 268 -5.87 9.57 -3.81
N SER B 269 -6.08 9.10 -2.58
CA SER B 269 -7.37 9.27 -1.91
C SER B 269 -7.19 9.41 -0.41
N VAL B 270 -7.78 10.45 0.15
CA VAL B 270 -7.70 10.67 1.59
C VAL B 270 -8.43 9.59 2.40
N SER B 271 -7.80 9.19 3.51
CA SER B 271 -8.36 8.20 4.42
C SER B 271 -8.16 8.68 5.84
N ILE B 272 -8.97 8.15 6.75
CA ILE B 272 -8.84 8.52 8.16
C ILE B 272 -8.94 7.30 9.04
N ASP B 273 -8.02 7.20 9.98
CA ASP B 273 -8.09 6.19 11.03
C ASP B 273 -7.81 6.79 12.38
N GLU B 274 -8.17 6.08 13.45
CA GLU B 274 -7.97 6.63 14.78
C GLU B 274 -6.49 6.44 15.22
N LEU B 275 -6.00 7.40 16.02
CA LEU B 275 -4.65 7.31 16.59
C LEU B 275 -4.75 7.11 18.09
N PHE B 276 -3.90 6.25 18.64
CA PHE B 276 -3.94 5.95 20.08
C PHE B 276 -2.58 6.16 20.71
N TYR B 277 -2.56 6.78 21.89
CA TYR B 277 -1.30 6.94 22.62
C TYR B 277 -1.11 5.83 23.64
N ASN B 278 0.14 5.47 23.87
CA ASN B 278 0.52 4.63 25.00
C ASN B 278 0.60 5.47 26.26
N PRO B 279 0.51 4.82 27.44
CA PRO B 279 0.56 5.59 28.69
C PRO B 279 1.82 6.43 28.81
N ASP B 280 2.91 5.99 28.17
CA ASP B 280 4.17 6.72 28.28
C ASP B 280 4.32 7.86 27.27
N GLY B 281 3.31 8.10 26.45
CA GLY B 281 3.34 9.23 25.54
C GLY B 281 3.73 8.88 24.12
N THR B 282 4.29 7.69 23.94
CA THR B 282 4.58 7.22 22.59
C THR B 282 3.25 6.90 21.90
N ILE B 283 3.28 6.75 20.57
CA ILE B 283 2.07 6.51 19.81
C ILE B 283 2.04 5.05 19.32
N LYS B 284 0.89 4.41 19.46
CA LYS B 284 0.75 3.06 18.92
C LYS B 284 0.83 3.15 17.41
N ARG B 285 1.48 2.19 16.77
CA ARG B 285 1.51 2.23 15.31
C ARG B 285 0.09 2.18 14.76
N ILE B 286 -0.15 3.00 13.75
CA ILE B 286 -1.45 3.07 13.10
C ILE B 286 -1.85 1.73 12.51
N VAL B 287 -3.14 1.42 12.61
CA VAL B 287 -3.69 0.32 11.85
C VAL B 287 -4.61 0.94 10.80
N MET B 288 -4.17 0.93 9.55
CA MET B 288 -4.98 1.48 8.48
C MET B 288 -6.08 0.49 8.17
N THR B 289 -7.32 0.96 8.10
CA THR B 289 -8.46 0.05 7.91
C THR B 289 -9.40 0.47 6.81
N THR B 290 -10.11 -0.51 6.27
CA THR B 290 -11.21 -0.25 5.35
C THR B 290 -12.36 0.51 6.02
N GLU B 291 -12.71 0.11 7.25
CA GLU B 291 -13.92 0.64 7.89
C GLU B 291 -13.81 2.10 8.30
N GLY B 292 -12.60 2.54 8.63
CA GLY B 292 -12.36 3.91 9.05
C GLY B 292 -12.99 4.19 10.39
N VAL B 293 -13.29 5.46 10.65
CA VAL B 293 -13.69 5.85 12.00
C VAL B 293 -15.18 5.98 12.15
N ALA B 294 -15.65 5.76 13.36
CA ALA B 294 -17.07 5.88 13.70
C ALA B 294 -17.43 7.34 13.89
N PRO B 295 -18.68 7.71 13.63
CA PRO B 295 -19.08 9.10 13.90
C PRO B 295 -18.77 9.46 15.35
N ASN B 296 -18.35 10.69 15.57
CA ASN B 296 -17.98 11.16 16.89
C ASN B 296 -18.45 12.61 17.01
N LYS B 297 -19.77 12.79 17.15
CA LYS B 297 -20.39 14.09 16.89
C LYS B 297 -20.25 15.16 17.98
N SER B 298 -19.96 16.38 17.53
CA SER B 298 -19.94 17.61 18.33
C SER B 298 -18.81 18.54 17.89
#